data_7BCR
#
_entry.id   7BCR
#
_cell.length_a   59.034
_cell.length_b   62.210
_cell.length_c   88.647
_cell.angle_alpha   90.000
_cell.angle_beta   90.000
_cell.angle_gamma   90.000
#
_symmetry.space_group_name_H-M   'P 21 21 21'
#
loop_
_entity.id
_entity.type
_entity.pdbx_description
1 polymer 'Putative TRAP transporter solute receptor DctP'
2 non-polymer 'L-galactonic acid'
3 water water
#
_entity_poly.entity_id   1
_entity_poly.type   'polypeptide(L)'
_entity_poly.pdbx_seq_one_letter_code
;MKRLKKTVASLTAVALLGMGSAAVWAKDIKPRIIRFGYGLADDSPTGKASAHFAEVVSKLSDGKMKVKTFGNGALGPDEQ
LINSLISGSGEITFVSTAPIASLIPEFGVFDLPFLFDNEKVADTVLDGPEGKKLLDKLPAKGLIGLNYWENGFRNITNSR
HEISKLDDIGGIKLRVMQNQVALSVFKGLGANAIPMPFTELFTALETKTVDGQENPLSTIQTSKFYEVQPYLTLSNHVYT
PFVFLASKKWFDQLSQDEKDVITQAAADSQAFQRKASRQGNEDALKYLKEHNVKVAEFSTEEREKIREKVAPIVESLKAK
IGKETVEGVLDAAKKASGA
;
_entity_poly.pdbx_strand_id   A
#
# COMPACT_ATOMS: atom_id res chain seq x y z
N ASP A 28 -3.98 -28.49 19.23
CA ASP A 28 -5.38 -28.10 18.95
C ASP A 28 -5.53 -27.44 17.57
N ILE A 29 -5.20 -28.18 16.50
CA ILE A 29 -5.25 -27.66 15.13
C ILE A 29 -6.12 -28.57 14.27
N LYS A 30 -7.29 -28.07 13.85
CA LYS A 30 -8.25 -28.80 13.03
C LYS A 30 -8.14 -28.37 11.58
N PRO A 31 -8.49 -29.24 10.63
CA PRO A 31 -8.43 -28.82 9.22
C PRO A 31 -9.27 -27.57 8.99
N ARG A 32 -8.70 -26.64 8.21
CA ARG A 32 -9.34 -25.39 7.86
C ARG A 32 -8.91 -25.02 6.46
N ILE A 33 -9.80 -24.33 5.76
CA ILE A 33 -9.51 -23.77 4.46
C ILE A 33 -9.70 -22.26 4.56
N ILE A 34 -8.68 -21.52 4.12
CA ILE A 34 -8.52 -20.11 4.45
C ILE A 34 -8.36 -19.32 3.15
N ARG A 35 -9.25 -18.37 2.92
CA ARG A 35 -9.29 -17.61 1.67
C ARG A 35 -8.46 -16.33 1.82
N PHE A 36 -7.58 -16.09 0.85
CA PHE A 36 -6.65 -14.96 0.85
C PHE A 36 -6.75 -14.25 -0.51
N GLY A 37 -7.59 -13.23 -0.61
CA GLY A 37 -7.70 -12.43 -1.81
C GLY A 37 -6.83 -11.19 -1.76
N TYR A 38 -6.39 -10.73 -2.94
CA TYR A 38 -5.63 -9.49 -2.95
C TYR A 38 -5.64 -8.87 -4.35
N GLY A 39 -5.21 -7.63 -4.38
CA GLY A 39 -5.33 -6.82 -5.59
C GLY A 39 -4.21 -6.90 -6.60
N LEU A 40 -2.97 -6.93 -6.12
CA LEU A 40 -1.82 -6.95 -7.01
C LEU A 40 -1.74 -8.27 -7.80
N ALA A 41 -0.90 -8.28 -8.83
CA ALA A 41 -0.73 -9.48 -9.63
C ALA A 41 -0.06 -10.58 -8.82
N ASP A 42 -0.32 -11.83 -9.23
CA ASP A 42 0.27 -12.97 -8.53
C ASP A 42 1.78 -12.89 -8.53
N ASP A 43 2.37 -12.31 -9.57
CA ASP A 43 3.81 -12.26 -9.81
C ASP A 43 4.47 -11.06 -9.16
N SER A 44 3.72 -10.23 -8.46
CA SER A 44 4.28 -9.12 -7.70
C SER A 44 5.03 -9.64 -6.48
N PRO A 45 5.95 -8.85 -5.93
CA PRO A 45 6.62 -9.32 -4.70
C PRO A 45 5.61 -9.67 -3.58
N THR A 46 4.53 -8.91 -3.41
CA THR A 46 3.62 -9.20 -2.31
C THR A 46 2.75 -10.40 -2.66
N GLY A 47 2.45 -10.62 -3.94
CA GLY A 47 1.79 -11.85 -4.33
C GLY A 47 2.63 -13.09 -4.06
N LYS A 48 3.95 -13.00 -4.27
CA LYS A 48 4.78 -14.16 -3.97
C LYS A 48 4.94 -14.31 -2.46
N ALA A 49 4.90 -13.19 -1.72
CA ALA A 49 4.87 -13.29 -0.27
C ALA A 49 3.58 -13.92 0.24
N SER A 50 2.47 -13.72 -0.48
CA SER A 50 1.20 -14.35 -0.15
C SER A 50 1.30 -15.85 -0.32
N ALA A 51 1.91 -16.31 -1.41
CA ALA A 51 2.15 -17.73 -1.57
C ALA A 51 3.09 -18.24 -0.49
N HIS A 52 4.06 -17.42 -0.10
CA HIS A 52 4.99 -17.83 0.95
C HIS A 52 4.27 -17.95 2.28
N PHE A 53 3.33 -17.05 2.55
CA PHE A 53 2.53 -17.18 3.75
C PHE A 53 1.72 -18.47 3.73
N ALA A 54 1.11 -18.77 2.59
CA ALA A 54 0.37 -20.02 2.46
C ALA A 54 1.27 -21.21 2.79
N GLU A 55 2.49 -21.23 2.26
CA GLU A 55 3.38 -22.36 2.48
C GLU A 55 3.73 -22.51 3.96
N VAL A 56 3.99 -21.39 4.64
CA VAL A 56 4.39 -21.44 6.04
C VAL A 56 3.24 -21.91 6.91
N VAL A 57 2.03 -21.39 6.68
CA VAL A 57 0.86 -21.82 7.44
C VAL A 57 0.69 -23.33 7.33
N SER A 58 0.91 -23.88 6.14
CA SER A 58 0.75 -25.33 5.96
C SER A 58 1.81 -26.10 6.72
N LYS A 59 3.08 -25.73 6.55
CA LYS A 59 4.16 -26.35 7.32
C LYS A 59 3.83 -26.36 8.81
N LEU A 60 3.49 -25.21 9.38
CA LEU A 60 3.36 -25.13 10.82
C LEU A 60 2.14 -25.88 11.33
N SER A 61 1.23 -26.29 10.45
CA SER A 61 0.04 -27.01 10.85
C SER A 61 0.00 -28.45 10.31
N ASP A 62 1.13 -28.98 9.84
CA ASP A 62 1.19 -30.33 9.27
C ASP A 62 0.10 -30.54 8.22
N GLY A 63 0.00 -29.58 7.30
CA GLY A 63 -0.94 -29.66 6.22
C GLY A 63 -2.39 -29.50 6.59
N LYS A 64 -2.71 -29.21 7.85
CA LYS A 64 -4.11 -29.10 8.23
C LYS A 64 -4.71 -27.76 7.87
N MET A 65 -3.94 -26.68 7.90
CA MET A 65 -4.42 -25.36 7.54
C MET A 65 -3.93 -25.01 6.13
N LYS A 66 -4.88 -24.82 5.21
CA LYS A 66 -4.60 -24.66 3.79
C LYS A 66 -5.11 -23.29 3.35
N VAL A 67 -4.20 -22.43 2.96
CA VAL A 67 -4.52 -21.08 2.50
C VAL A 67 -4.68 -21.14 0.99
N LYS A 68 -5.78 -20.60 0.49
CA LYS A 68 -6.04 -20.47 -0.94
C LYS A 68 -5.90 -18.99 -1.32
N THR A 69 -5.00 -18.68 -2.22
CA THR A 69 -4.82 -17.29 -2.62
C THR A 69 -5.58 -17.00 -3.91
N PHE A 70 -6.11 -15.77 -3.98
CA PHE A 70 -6.89 -15.29 -5.12
C PHE A 70 -6.34 -13.90 -5.47
N GLY A 71 -5.33 -13.86 -6.32
CA GLY A 71 -4.63 -12.63 -6.63
C GLY A 71 -5.29 -11.85 -7.75
N ASN A 72 -4.64 -10.73 -8.09
CA ASN A 72 -4.99 -9.92 -9.24
C ASN A 72 -6.42 -9.41 -9.21
N GLY A 73 -6.98 -9.20 -8.01
CA GLY A 73 -8.31 -8.63 -7.90
C GLY A 73 -9.45 -9.61 -8.14
N ALA A 74 -9.17 -10.91 -8.11
CA ALA A 74 -10.20 -11.90 -8.35
C ALA A 74 -11.34 -11.81 -7.33
N LEU A 75 -11.01 -11.49 -6.07
CA LEU A 75 -12.00 -11.29 -5.03
C LEU A 75 -12.31 -9.81 -4.80
N GLY A 76 -12.01 -8.96 -5.77
CA GLY A 76 -12.34 -7.56 -5.66
C GLY A 76 -11.18 -6.71 -5.20
N PRO A 77 -11.36 -5.38 -5.22
CA PRO A 77 -10.33 -4.45 -4.75
C PRO A 77 -10.33 -4.33 -3.23
N ASP A 78 -9.36 -3.55 -2.73
CA ASP A 78 -9.12 -3.44 -1.29
C ASP A 78 -10.42 -3.20 -0.51
N GLU A 79 -11.22 -2.26 -0.99
CA GLU A 79 -12.41 -1.85 -0.28
C GLU A 79 -13.34 -3.03 -0.07
N GLN A 80 -13.45 -3.90 -1.09
CA GLN A 80 -14.29 -5.09 -1.00
C GLN A 80 -13.64 -6.16 -0.13
N LEU A 81 -12.32 -6.31 -0.24
CA LEU A 81 -11.62 -7.28 0.59
C LEU A 81 -11.80 -6.94 2.07
N ILE A 82 -11.70 -5.66 2.41
CA ILE A 82 -11.90 -5.23 3.79
C ILE A 82 -13.29 -5.62 4.29
N ASN A 83 -14.29 -5.38 3.45
CA ASN A 83 -15.66 -5.73 3.82
C ASN A 83 -15.85 -7.22 3.91
N SER A 84 -15.20 -7.97 3.04
CA SER A 84 -15.27 -9.42 3.12
C SER A 84 -14.75 -9.92 4.46
N LEU A 85 -13.67 -9.32 4.96
CA LEU A 85 -13.10 -9.76 6.24
C LEU A 85 -14.02 -9.38 7.39
N ILE A 86 -14.59 -8.19 7.33
CA ILE A 86 -15.49 -7.78 8.40
C ILE A 86 -16.67 -8.73 8.48
N SER A 87 -17.28 -9.03 7.33
CA SER A 87 -18.42 -9.92 7.31
C SER A 87 -18.04 -11.39 7.51
N GLY A 88 -16.84 -11.79 7.11
CA GLY A 88 -16.39 -13.16 7.27
C GLY A 88 -16.46 -14.01 6.01
N SER A 89 -16.83 -13.43 4.86
CA SER A 89 -16.68 -14.14 3.59
C SER A 89 -15.22 -14.35 3.20
N GLY A 90 -14.30 -13.55 3.71
CA GLY A 90 -12.88 -13.82 3.56
C GLY A 90 -12.18 -13.83 4.90
N GLU A 91 -11.01 -14.48 4.92
CA GLU A 91 -10.24 -14.70 6.13
C GLU A 91 -9.03 -13.77 6.26
N ILE A 92 -8.25 -13.63 5.18
CA ILE A 92 -6.95 -12.94 5.19
C ILE A 92 -6.85 -12.06 3.95
N THR A 93 -6.24 -10.87 4.10
CA THR A 93 -5.85 -10.08 2.95
C THR A 93 -4.72 -9.14 3.35
N PHE A 94 -4.08 -8.51 2.37
CA PHE A 94 -3.27 -7.32 2.63
C PHE A 94 -3.88 -6.20 1.79
N VAL A 95 -3.96 -5.02 2.38
CA VAL A 95 -4.52 -3.85 1.70
C VAL A 95 -3.62 -2.67 2.02
N SER A 96 -3.69 -1.66 1.17
CA SER A 96 -3.01 -0.39 1.49
C SER A 96 -3.75 0.29 2.65
N THR A 97 -3.02 1.18 3.35
CA THR A 97 -3.62 1.90 4.47
C THR A 97 -4.69 2.89 3.97
N ALA A 98 -4.52 3.47 2.77
CA ALA A 98 -5.47 4.49 2.33
C ALA A 98 -6.94 4.06 2.45
N PRO A 99 -7.36 2.91 1.91
CA PRO A 99 -8.79 2.56 2.02
C PRO A 99 -9.24 2.34 3.45
N ILE A 100 -8.32 2.09 4.37
CA ILE A 100 -8.71 1.87 5.77
C ILE A 100 -9.10 3.19 6.41
N ALA A 101 -8.59 4.32 5.86
CA ALA A 101 -8.96 5.64 6.34
C ALA A 101 -10.45 5.88 6.27
N SER A 102 -11.16 5.14 5.43
CA SER A 102 -12.61 5.25 5.35
C SER A 102 -13.27 4.68 6.60
N LEU A 103 -12.58 3.82 7.35
CA LEU A 103 -13.12 3.28 8.60
C LEU A 103 -12.50 3.94 9.82
N ILE A 104 -11.22 4.24 9.73
CA ILE A 104 -10.37 4.72 10.82
C ILE A 104 -9.55 5.86 10.24
N PRO A 105 -10.01 7.11 10.40
CA PRO A 105 -9.35 8.23 9.71
C PRO A 105 -7.87 8.36 10.01
N GLU A 106 -7.44 7.94 11.20
CA GLU A 106 -6.04 8.09 11.58
C GLU A 106 -5.11 7.38 10.61
N PHE A 107 -5.61 6.34 9.89
CA PHE A 107 -4.77 5.67 8.91
C PHE A 107 -4.43 6.56 7.72
N GLY A 108 -5.17 7.65 7.52
CA GLY A 108 -4.86 8.61 6.47
C GLY A 108 -3.51 9.27 6.62
N VAL A 109 -2.86 9.10 7.77
CA VAL A 109 -1.57 9.73 8.00
C VAL A 109 -0.56 9.30 6.94
N PHE A 110 -0.62 8.03 6.48
CA PHE A 110 0.43 7.57 5.56
C PHE A 110 0.29 8.08 4.13
N ASP A 111 -0.76 8.83 3.83
CA ASP A 111 -0.86 9.47 2.52
C ASP A 111 -0.26 10.87 2.51
N LEU A 112 0.30 11.31 3.63
CA LEU A 112 1.01 12.56 3.67
C LEU A 112 2.36 12.37 2.97
N PRO A 113 2.79 13.34 2.18
CA PRO A 113 4.04 13.16 1.44
C PRO A 113 5.25 13.34 2.35
N PHE A 114 6.33 12.63 2.00
CA PHE A 114 7.64 12.84 2.60
C PHE A 114 7.71 12.52 4.08
N LEU A 115 6.82 11.63 4.55
CA LEU A 115 6.80 11.25 5.96
C LEU A 115 8.03 10.47 6.36
N PHE A 116 8.43 9.47 5.55
CA PHE A 116 9.56 8.62 5.87
C PHE A 116 10.68 8.82 4.86
N ASP A 117 11.90 9.05 5.35
CA ASP A 117 13.03 9.30 4.43
C ASP A 117 13.43 8.05 3.67
N ASN A 118 13.25 6.88 4.26
CA ASN A 118 13.69 5.62 3.67
C ASN A 118 12.92 4.49 4.34
N GLU A 119 13.18 3.26 3.87
CA GLU A 119 12.43 2.11 4.31
C GLU A 119 12.78 1.67 5.72
N LYS A 120 13.97 2.04 6.17
CA LYS A 120 14.44 1.69 7.51
C LYS A 120 13.71 2.53 8.55
N VAL A 121 13.53 3.83 8.27
CA VAL A 121 12.67 4.66 9.09
C VAL A 121 11.26 4.08 9.11
N ALA A 122 10.75 3.70 7.92
CA ALA A 122 9.38 3.21 7.86
C ALA A 122 9.21 1.96 8.71
N ASP A 123 10.14 1.02 8.58
CA ASP A 123 10.08 -0.19 9.38
C ASP A 123 10.07 0.16 10.86
N THR A 124 11.00 1.02 11.26
CA THR A 124 11.10 1.36 12.68
C THR A 124 9.79 1.94 13.19
N VAL A 125 9.20 2.85 12.43
CA VAL A 125 8.01 3.53 12.91
C VAL A 125 6.81 2.57 12.90
N LEU A 126 6.64 1.82 11.81
CA LEU A 126 5.52 0.91 11.65
C LEU A 126 5.55 -0.20 12.67
N ASP A 127 6.73 -0.74 12.93
CA ASP A 127 6.86 -1.83 13.89
C ASP A 127 6.95 -1.33 15.32
N GLY A 128 6.93 -0.02 15.52
CA GLY A 128 7.02 0.57 16.83
C GLY A 128 5.70 1.08 17.37
N PRO A 129 5.75 1.85 18.47
CA PRO A 129 4.51 2.20 19.17
C PRO A 129 3.53 2.98 18.33
N GLU A 130 4.00 3.83 17.44
CA GLU A 130 3.06 4.59 16.63
C GLU A 130 2.35 3.69 15.62
N GLY A 131 3.04 2.68 15.11
CA GLY A 131 2.40 1.73 14.21
C GLY A 131 1.38 0.86 14.94
N LYS A 132 1.75 0.37 16.12
CA LYS A 132 0.85 -0.46 16.91
C LYS A 132 -0.38 0.32 17.38
N LYS A 133 -0.21 1.62 17.72
CA LYS A 133 -1.39 2.38 18.11
C LYS A 133 -2.48 2.31 17.05
N LEU A 134 -2.08 2.40 15.77
CA LEU A 134 -3.04 2.32 14.68
C LEU A 134 -3.56 0.89 14.48
N LEU A 135 -2.68 -0.11 14.46
CA LEU A 135 -3.17 -1.47 14.36
C LEU A 135 -4.18 -1.79 15.48
N ASP A 136 -3.99 -1.18 16.64
CA ASP A 136 -4.88 -1.49 17.75
C ASP A 136 -6.29 -0.95 17.53
N LYS A 137 -6.47 -0.04 16.59
CA LYS A 137 -7.80 0.49 16.33
C LYS A 137 -8.65 -0.44 15.47
N LEU A 138 -8.10 -1.56 14.99
CA LEU A 138 -8.75 -2.37 13.97
C LEU A 138 -9.78 -3.36 14.55
N PRO A 139 -9.55 -3.95 15.72
CA PRO A 139 -10.54 -4.91 16.25
C PRO A 139 -11.94 -4.34 16.43
N ALA A 140 -12.06 -3.12 16.94
CA ALA A 140 -13.36 -2.46 17.03
C ALA A 140 -14.12 -2.46 15.69
N LYS A 141 -13.41 -2.49 14.57
CA LYS A 141 -14.05 -2.48 13.27
C LYS A 141 -14.12 -3.87 12.65
N GLY A 142 -13.79 -4.92 13.42
CA GLY A 142 -13.90 -6.27 12.91
C GLY A 142 -12.66 -6.83 12.27
N LEU A 143 -11.50 -6.22 12.48
CA LEU A 143 -10.30 -6.61 11.78
C LEU A 143 -9.15 -6.79 12.75
N ILE A 144 -8.23 -7.67 12.37
CA ILE A 144 -7.01 -7.91 13.12
C ILE A 144 -5.84 -7.50 12.24
N GLY A 145 -5.09 -6.48 12.65
CA GLY A 145 -3.88 -6.14 11.93
C GLY A 145 -2.74 -7.00 12.40
N LEU A 146 -2.44 -8.10 11.68
CA LEU A 146 -1.36 -9.02 12.08
C LEU A 146 0.00 -8.32 12.08
N ASN A 147 0.27 -7.52 11.08
CA ASN A 147 1.44 -6.67 11.10
C ASN A 147 1.39 -5.80 9.84
N TYR A 148 2.44 -5.00 9.63
CA TYR A 148 2.58 -4.20 8.43
C TYR A 148 3.54 -4.84 7.43
N TRP A 149 3.17 -4.77 6.15
CA TRP A 149 4.00 -5.17 5.04
C TRP A 149 4.27 -3.92 4.23
N GLU A 150 5.09 -4.05 3.20
CA GLU A 150 5.53 -2.90 2.44
C GLU A 150 4.88 -2.83 1.07
N ASN A 151 4.11 -1.79 0.85
CA ASN A 151 3.70 -1.50 -0.52
C ASN A 151 4.83 -0.75 -1.21
N GLY A 152 5.16 0.46 -0.73
CA GLY A 152 6.45 1.06 -1.00
C GLY A 152 6.35 2.53 -1.28
N PHE A 153 7.48 3.10 -1.71
CA PHE A 153 7.52 4.46 -2.21
C PHE A 153 6.80 4.55 -3.56
N ARG A 154 5.97 5.57 -3.72
CA ARG A 154 5.13 5.67 -4.90
C ARG A 154 5.70 6.66 -5.90
N ASN A 155 5.53 6.35 -7.19
CA ASN A 155 6.11 7.14 -8.28
C ASN A 155 5.10 7.41 -9.37
N ILE A 156 5.24 8.56 -10.01
CA ILE A 156 4.20 9.07 -10.90
C ILE A 156 4.42 8.56 -12.31
N THR A 157 3.36 8.00 -12.89
CA THR A 157 3.34 7.53 -14.28
C THR A 157 2.23 8.25 -15.01
N ASN A 158 2.47 8.59 -16.28
CA ASN A 158 1.40 9.17 -17.10
C ASN A 158 1.68 8.96 -18.58
N SER A 159 0.69 9.36 -19.38
CA SER A 159 0.75 9.21 -20.84
C SER A 159 0.66 10.53 -21.62
N ARG A 160 0.63 11.67 -20.95
CA ARG A 160 0.48 12.95 -21.64
C ARG A 160 1.81 13.67 -21.86
N HIS A 161 2.66 13.74 -20.84
CA HIS A 161 4.00 14.32 -21.05
C HIS A 161 4.91 14.05 -19.88
N GLU A 162 6.19 14.23 -20.12
CA GLU A 162 7.17 14.07 -19.05
C GLU A 162 6.84 15.00 -17.89
N ILE A 163 7.04 14.50 -16.67
CA ILE A 163 6.81 15.26 -15.45
C ILE A 163 8.15 15.33 -14.73
N SER A 164 8.90 16.43 -14.94
CA SER A 164 10.13 16.67 -14.20
C SER A 164 10.03 17.89 -13.30
N LYS A 165 8.95 18.67 -13.39
CA LYS A 165 8.79 19.85 -12.56
C LYS A 165 7.40 19.84 -11.92
N LEU A 166 7.29 20.49 -10.76
CA LEU A 166 5.99 20.67 -10.13
C LEU A 166 4.99 21.21 -11.13
N ASP A 167 5.42 22.12 -11.98
CA ASP A 167 4.53 22.72 -12.96
C ASP A 167 3.97 21.71 -13.93
N ASP A 168 4.72 20.68 -14.28
CA ASP A 168 4.20 19.68 -15.21
C ASP A 168 2.99 18.93 -14.65
N ILE A 169 2.71 19.01 -13.36
CA ILE A 169 1.59 18.25 -12.79
C ILE A 169 0.26 18.94 -13.08
N GLY A 170 0.27 20.23 -13.38
CA GLY A 170 -0.96 20.99 -13.46
C GLY A 170 -1.96 20.46 -14.46
N GLY A 171 -3.20 20.26 -14.02
CA GLY A 171 -4.23 19.78 -14.90
C GLY A 171 -4.07 18.35 -15.39
N ILE A 172 -3.01 17.64 -14.97
CA ILE A 172 -2.91 16.21 -15.26
C ILE A 172 -4.05 15.50 -14.55
N LYS A 173 -4.80 14.68 -15.30
CA LYS A 173 -5.85 13.85 -14.71
C LYS A 173 -5.17 12.64 -14.09
N LEU A 174 -4.97 12.66 -12.78
CA LEU A 174 -4.22 11.62 -12.09
C LEU A 174 -5.18 10.81 -11.21
N ARG A 175 -5.22 9.52 -11.44
CA ARG A 175 -5.87 8.63 -10.50
C ARG A 175 -5.11 8.65 -9.17
N VAL A 176 -5.89 8.70 -8.09
CA VAL A 176 -5.40 8.52 -6.74
C VAL A 176 -6.21 7.44 -6.00
N MET A 177 -5.66 7.01 -4.87
CA MET A 177 -6.35 6.13 -3.92
C MET A 177 -7.51 6.88 -3.29
N GLN A 178 -8.45 6.12 -2.75
CA GLN A 178 -9.80 6.64 -2.43
C GLN A 178 -9.87 7.06 -0.97
N ASN A 179 -9.47 8.30 -0.72
CA ASN A 179 -9.22 8.84 0.60
C ASN A 179 -9.16 10.34 0.46
N GLN A 180 -9.66 11.07 1.47
CA GLN A 180 -9.68 12.52 1.39
C GLN A 180 -8.26 13.09 1.41
N VAL A 181 -7.30 12.35 1.96
CA VAL A 181 -5.95 12.86 2.07
C VAL A 181 -5.25 12.76 0.72
N ALA A 182 -5.36 11.60 0.07
CA ALA A 182 -4.77 11.47 -1.27
C ALA A 182 -5.34 12.52 -2.22
N LEU A 183 -6.66 12.69 -2.20
CA LEU A 183 -7.30 13.61 -3.13
C LEU A 183 -6.86 15.04 -2.87
N SER A 184 -6.76 15.41 -1.59
CA SER A 184 -6.41 16.78 -1.24
C SER A 184 -4.98 17.09 -1.59
N VAL A 185 -4.07 16.15 -1.36
CA VAL A 185 -2.66 16.41 -1.62
C VAL A 185 -2.43 16.66 -3.10
N PHE A 186 -3.00 15.80 -3.95
CA PHE A 186 -2.70 15.91 -5.37
C PHE A 186 -3.46 17.05 -6.02
N LYS A 187 -4.67 17.36 -5.52
CA LYS A 187 -5.35 18.56 -5.96
C LYS A 187 -4.55 19.81 -5.60
N GLY A 188 -3.93 19.81 -4.42
CA GLY A 188 -3.07 20.92 -4.05
C GLY A 188 -1.83 21.01 -4.90
N LEU A 189 -1.36 19.89 -5.43
CA LEU A 189 -0.25 19.94 -6.39
C LEU A 189 -0.70 20.25 -7.82
N GLY A 190 -1.96 20.67 -7.99
CA GLY A 190 -2.45 21.11 -9.27
C GLY A 190 -3.06 20.06 -10.15
N ALA A 191 -3.11 18.82 -9.73
CA ALA A 191 -3.63 17.78 -10.59
C ALA A 191 -5.15 17.69 -10.48
N ASN A 192 -5.76 17.08 -11.48
CA ASN A 192 -7.16 16.68 -11.39
C ASN A 192 -7.15 15.26 -10.86
N ALA A 193 -7.37 15.15 -9.56
CA ALA A 193 -7.22 13.91 -8.82
C ALA A 193 -8.52 13.13 -8.89
N ILE A 194 -8.44 11.92 -9.43
CA ILE A 194 -9.59 11.08 -9.67
C ILE A 194 -9.47 9.84 -8.78
N PRO A 195 -10.24 9.77 -7.70
CA PRO A 195 -10.21 8.55 -6.89
C PRO A 195 -10.77 7.39 -7.71
N MET A 196 -10.07 6.26 -7.70
CA MET A 196 -10.58 5.05 -8.35
C MET A 196 -10.00 3.83 -7.63
N PRO A 197 -10.75 2.74 -7.60
CA PRO A 197 -10.19 1.48 -7.09
C PRO A 197 -9.11 0.94 -8.01
N PHE A 198 -8.13 0.28 -7.40
CA PHE A 198 -7.01 -0.24 -8.17
C PHE A 198 -7.44 -1.20 -9.28
N THR A 199 -8.50 -1.97 -9.05
CA THR A 199 -8.88 -3.00 -10.03
C THR A 199 -9.38 -2.40 -11.34
N GLU A 200 -9.75 -1.12 -11.35
CA GLU A 200 -10.19 -0.44 -12.56
C GLU A 200 -9.06 0.33 -13.24
N LEU A 201 -7.87 0.35 -12.65
CA LEU A 201 -6.87 1.33 -13.07
C LEU A 201 -6.31 1.05 -14.46
N PHE A 202 -5.95 -0.19 -14.75
CA PHE A 202 -5.30 -0.47 -16.03
C PHE A 202 -6.14 0.04 -17.21
N THR A 203 -7.43 -0.27 -17.19
CA THR A 203 -8.25 0.08 -18.33
C THR A 203 -8.41 1.59 -18.45
N ALA A 204 -8.48 2.29 -17.30
CA ALA A 204 -8.56 3.74 -17.34
C ALA A 204 -7.29 4.37 -17.90
N LEU A 205 -6.13 3.77 -17.64
CA LEU A 205 -4.91 4.27 -18.26
C LEU A 205 -4.90 3.96 -19.74
N GLU A 206 -5.33 2.75 -20.11
CA GLU A 206 -5.24 2.29 -21.48
C GLU A 206 -6.14 3.12 -22.38
N THR A 207 -7.36 3.40 -21.92
CA THR A 207 -8.34 4.21 -22.60
C THR A 207 -8.10 5.70 -22.42
N LYS A 208 -7.11 6.09 -21.62
CA LYS A 208 -6.82 7.50 -21.34
C LYS A 208 -8.02 8.22 -20.76
N THR A 209 -8.88 7.48 -20.07
CA THR A 209 -9.85 8.12 -19.18
C THR A 209 -9.15 8.89 -18.08
N VAL A 210 -7.95 8.47 -17.74
CA VAL A 210 -7.04 9.16 -16.83
C VAL A 210 -5.71 9.23 -17.55
N ASP A 211 -4.97 10.31 -17.28
CA ASP A 211 -3.64 10.45 -17.87
C ASP A 211 -2.60 9.61 -17.13
N GLY A 212 -2.81 9.33 -15.85
CA GLY A 212 -1.73 8.70 -15.10
C GLY A 212 -2.13 8.31 -13.69
N GLN A 213 -1.11 8.01 -12.91
CA GLN A 213 -1.28 7.25 -11.67
C GLN A 213 0.03 7.36 -10.92
N GLU A 214 0.03 6.86 -9.68
CA GLU A 214 1.24 6.78 -8.86
C GLU A 214 1.24 5.53 -8.01
N ASN A 215 2.29 4.72 -8.18
CA ASN A 215 2.40 3.46 -7.45
C ASN A 215 3.89 3.15 -7.34
N PRO A 216 4.26 2.10 -6.59
CA PRO A 216 5.66 1.67 -6.60
C PRO A 216 6.03 1.01 -7.90
N LEU A 217 7.35 0.98 -8.15
CA LEU A 217 7.84 0.53 -9.44
C LEU A 217 7.37 -0.90 -9.75
N SER A 218 7.51 -1.82 -8.79
CA SER A 218 7.19 -3.22 -9.04
C SER A 218 5.71 -3.42 -9.33
N THR A 219 4.86 -2.51 -8.87
CA THR A 219 3.46 -2.58 -9.28
C THR A 219 3.28 -2.02 -10.69
N ILE A 220 3.92 -0.89 -10.97
CA ILE A 220 3.88 -0.37 -12.34
C ILE A 220 4.27 -1.47 -13.31
N GLN A 221 5.30 -2.24 -12.96
CA GLN A 221 5.74 -3.34 -13.80
C GLN A 221 4.72 -4.48 -13.85
N THR A 222 4.42 -5.06 -12.68
CA THR A 222 3.70 -6.33 -12.68
C THR A 222 2.22 -6.20 -12.99
N SER A 223 1.61 -5.06 -12.72
CA SER A 223 0.28 -4.78 -13.27
C SER A 223 0.34 -4.19 -14.68
N LYS A 224 1.53 -4.08 -15.28
CA LYS A 224 1.74 -3.69 -16.69
C LYS A 224 1.32 -2.27 -17.02
N PHE A 225 1.23 -1.38 -16.02
CA PHE A 225 0.88 0.01 -16.31
C PHE A 225 1.84 0.64 -17.31
N TYR A 226 3.09 0.21 -17.30
CA TYR A 226 4.08 0.80 -18.21
C TYR A 226 3.68 0.60 -19.67
N GLU A 227 2.90 -0.44 -19.98
CA GLU A 227 2.47 -0.65 -21.36
C GLU A 227 1.63 0.50 -21.88
N VAL A 228 1.00 1.28 -21.00
CA VAL A 228 0.10 2.35 -21.42
C VAL A 228 0.48 3.66 -20.74
N GLN A 229 1.73 3.70 -20.25
CA GLN A 229 2.26 4.85 -19.53
C GLN A 229 3.70 5.07 -19.99
N PRO A 230 3.93 5.85 -21.04
CA PRO A 230 5.32 5.99 -21.53
C PRO A 230 6.21 6.82 -20.64
N TYR A 231 5.67 7.58 -19.70
CA TYR A 231 6.44 8.43 -18.80
C TYR A 231 6.41 7.90 -17.37
N LEU A 232 7.60 7.91 -16.74
CA LEU A 232 7.78 7.62 -15.31
C LEU A 232 8.63 8.72 -14.69
N THR A 233 8.18 9.26 -13.57
CA THR A 233 8.95 10.15 -12.71
C THR A 233 9.30 9.49 -11.38
N LEU A 234 10.59 9.49 -11.03
CA LEU A 234 11.05 8.82 -9.81
C LEU A 234 10.89 9.79 -8.63
N SER A 235 9.61 10.05 -8.32
CA SER A 235 9.24 11.06 -7.33
C SER A 235 9.27 10.56 -5.88
N ASN A 236 9.09 9.26 -5.65
CA ASN A 236 9.04 8.69 -4.28
C ASN A 236 8.36 9.64 -3.29
N HIS A 237 7.17 10.13 -3.66
CA HIS A 237 6.52 11.22 -2.94
C HIS A 237 5.73 10.77 -1.69
N VAL A 238 5.28 9.53 -1.64
CA VAL A 238 4.54 8.98 -0.49
C VAL A 238 5.03 7.55 -0.28
N TYR A 239 5.05 7.12 0.97
CA TYR A 239 5.31 5.72 1.32
C TYR A 239 3.99 5.10 1.78
N THR A 240 3.62 3.97 1.19
CA THR A 240 2.40 3.32 1.56
C THR A 240 2.71 2.02 2.29
N PRO A 241 2.30 1.88 3.54
CA PRO A 241 2.30 0.54 4.17
C PRO A 241 1.12 -0.27 3.66
N PHE A 242 1.32 -1.59 3.65
CA PHE A 242 0.20 -2.52 3.62
C PHE A 242 -0.09 -2.89 5.07
N VAL A 243 -1.36 -3.19 5.36
CA VAL A 243 -1.72 -3.89 6.60
C VAL A 243 -2.02 -5.32 6.21
N PHE A 244 -1.34 -6.26 6.82
CA PHE A 244 -1.66 -7.67 6.68
C PHE A 244 -2.78 -7.97 7.68
N LEU A 245 -3.96 -8.38 7.17
CA LEU A 245 -5.20 -8.38 7.95
C LEU A 245 -5.82 -9.77 8.07
N ALA A 246 -6.41 -10.05 9.24
CA ALA A 246 -7.30 -11.18 9.45
C ALA A 246 -8.70 -10.70 9.83
N SER A 247 -9.70 -11.49 9.42
CA SER A 247 -11.07 -11.27 9.87
C SER A 247 -11.12 -11.55 11.37
N LYS A 248 -11.54 -10.57 12.16
CA LYS A 248 -11.59 -10.80 13.61
C LYS A 248 -12.62 -11.88 13.93
N LYS A 249 -13.73 -11.90 13.18
CA LYS A 249 -14.77 -12.89 13.39
C LYS A 249 -14.21 -14.30 13.26
N TRP A 250 -13.45 -14.54 12.19
CA TRP A 250 -12.83 -15.84 11.95
C TRP A 250 -11.68 -16.09 12.91
N PHE A 251 -10.84 -15.08 13.15
CA PHE A 251 -9.66 -15.31 13.96
C PHE A 251 -10.03 -15.71 15.39
N ASP A 252 -11.04 -15.07 15.95
CA ASP A 252 -11.40 -15.31 17.34
C ASP A 252 -11.96 -16.71 17.58
N GLN A 253 -12.55 -17.32 16.57
CA GLN A 253 -13.01 -18.69 16.67
C GLN A 253 -11.90 -19.69 16.40
N LEU A 254 -10.69 -19.25 16.12
CA LEU A 254 -9.59 -20.20 16.08
C LEU A 254 -9.14 -20.55 17.49
N SER A 255 -8.56 -21.73 17.62
CA SER A 255 -7.92 -22.11 18.87
C SER A 255 -6.58 -21.40 19.00
N GLN A 256 -6.10 -21.28 20.23
CA GLN A 256 -4.87 -20.53 20.44
C GLN A 256 -3.74 -21.13 19.63
N ASP A 257 -3.69 -22.45 19.53
CA ASP A 257 -2.69 -23.07 18.67
C ASP A 257 -2.89 -22.66 17.21
N GLU A 258 -4.14 -22.43 16.80
CA GLU A 258 -4.42 -22.01 15.44
C GLU A 258 -4.04 -20.55 15.26
N LYS A 259 -4.38 -19.70 16.21
CA LYS A 259 -3.94 -18.31 16.15
C LYS A 259 -2.42 -18.25 16.02
N ASP A 260 -1.73 -19.09 16.79
CA ASP A 260 -0.27 -19.09 16.81
C ASP A 260 0.30 -19.46 15.44
N VAL A 261 -0.34 -20.39 14.74
CA VAL A 261 0.13 -20.69 13.39
C VAL A 261 0.02 -19.43 12.51
N ILE A 262 -1.07 -18.69 12.64
CA ILE A 262 -1.27 -17.53 11.80
C ILE A 262 -0.28 -16.42 12.16
N THR A 263 -0.16 -16.09 13.45
CA THR A 263 0.74 -15.00 13.79
C THR A 263 2.18 -15.35 13.45
N GLN A 264 2.58 -16.58 13.73
CA GLN A 264 3.94 -17.01 13.42
C GLN A 264 4.21 -16.95 11.93
N ALA A 265 3.28 -17.47 11.12
CA ALA A 265 3.43 -17.35 9.68
C ALA A 265 3.49 -15.89 9.26
N ALA A 266 2.72 -15.03 9.92
CA ALA A 266 2.70 -13.61 9.55
C ALA A 266 4.04 -12.93 9.82
N ALA A 267 4.67 -13.25 10.95
CA ALA A 267 5.98 -12.68 11.22
C ALA A 267 7.00 -13.16 10.19
N ASP A 268 6.95 -14.44 9.87
CA ASP A 268 7.83 -15.00 8.85
C ASP A 268 7.59 -14.32 7.51
N SER A 269 6.33 -14.16 7.12
CA SER A 269 6.04 -13.60 5.81
C SER A 269 6.34 -12.10 5.74
N GLN A 270 6.23 -11.40 6.86
CA GLN A 270 6.55 -9.97 6.85
C GLN A 270 7.99 -9.76 6.39
N ALA A 271 8.91 -10.49 7.02
CA ALA A 271 10.32 -10.36 6.69
C ALA A 271 10.59 -10.81 5.27
N PHE A 272 9.94 -11.89 4.84
CA PHE A 272 10.09 -12.33 3.45
C PHE A 272 9.55 -11.28 2.50
N GLN A 273 8.43 -10.66 2.86
CA GLN A 273 7.80 -9.70 1.96
C GLN A 273 8.64 -8.44 1.83
N ARG A 274 9.20 -7.95 2.93
CA ARG A 274 9.95 -6.71 2.85
C ARG A 274 11.22 -6.88 2.03
N LYS A 275 11.95 -7.98 2.24
CA LYS A 275 13.09 -8.26 1.38
C LYS A 275 12.68 -8.41 -0.08
N ALA A 276 11.58 -9.11 -0.35
CA ALA A 276 11.18 -9.30 -1.74
C ALA A 276 10.71 -8.00 -2.36
N SER A 277 10.12 -7.12 -1.57
CA SER A 277 9.65 -5.85 -2.09
C SER A 277 10.82 -4.96 -2.51
N ARG A 278 11.85 -4.88 -1.67
CA ARG A 278 13.00 -4.03 -1.94
C ARG A 278 13.79 -4.52 -3.15
N GLN A 279 14.01 -5.83 -3.25
CA GLN A 279 14.68 -6.40 -4.42
C GLN A 279 13.81 -6.22 -5.66
N GLY A 280 12.50 -6.37 -5.52
CA GLY A 280 11.63 -6.13 -6.66
C GLY A 280 11.68 -4.68 -7.11
N ASN A 281 11.88 -3.77 -6.17
CA ASN A 281 11.96 -2.37 -6.57
C ASN A 281 13.17 -2.14 -7.45
N GLU A 282 14.28 -2.79 -7.11
CA GLU A 282 15.50 -2.68 -7.90
C GLU A 282 15.34 -3.35 -9.26
N ASP A 283 14.87 -4.60 -9.28
CA ASP A 283 14.60 -5.27 -10.55
C ASP A 283 13.65 -4.46 -11.41
N ALA A 284 12.65 -3.84 -10.78
CA ALA A 284 11.63 -3.11 -11.54
C ALA A 284 12.21 -1.93 -12.32
N LEU A 285 13.08 -1.14 -11.68
CA LEU A 285 13.63 0.01 -12.37
C LEU A 285 14.46 -0.42 -13.57
N LYS A 286 15.29 -1.43 -13.41
CA LYS A 286 16.04 -1.99 -14.52
C LYS A 286 15.07 -2.42 -15.65
N TYR A 287 14.14 -3.30 -15.28
CA TYR A 287 13.20 -3.73 -16.32
C TYR A 287 12.49 -2.55 -16.96
N LEU A 288 12.13 -1.53 -16.19
CA LEU A 288 11.47 -0.39 -16.83
C LEU A 288 12.46 0.39 -17.68
N LYS A 289 13.70 0.52 -17.20
CA LYS A 289 14.79 1.16 -17.94
C LYS A 289 15.15 0.27 -19.14
N GLU A 290 15.77 -0.91 -18.86
CA GLU A 290 16.14 -1.85 -19.91
C GLU A 290 15.00 -2.12 -20.90
N HIS A 291 13.79 -1.75 -20.56
CA HIS A 291 12.61 -1.82 -21.41
C HIS A 291 12.31 -0.48 -22.05
N ASN A 292 13.19 0.53 -21.82
CA ASN A 292 13.13 1.81 -22.52
C ASN A 292 11.77 2.51 -22.28
N VAL A 293 11.37 2.61 -20.99
CA VAL A 293 10.43 3.61 -20.49
C VAL A 293 11.21 4.90 -20.27
N LYS A 294 10.56 6.04 -20.39
CA LYS A 294 11.24 7.33 -20.27
C LYS A 294 11.14 7.78 -18.83
N VAL A 295 12.26 7.79 -18.13
CA VAL A 295 12.33 8.02 -16.70
C VAL A 295 12.92 9.38 -16.41
N ALA A 296 12.22 10.17 -15.60
CA ALA A 296 12.62 11.49 -15.16
C ALA A 296 12.69 11.53 -13.64
N GLU A 297 13.24 12.61 -13.12
CA GLU A 297 13.37 12.82 -11.69
C GLU A 297 12.91 14.24 -11.38
N PHE A 298 12.62 14.48 -10.09
CA PHE A 298 12.49 15.84 -9.58
C PHE A 298 13.83 16.34 -9.08
N SER A 299 14.26 17.51 -9.59
CA SER A 299 15.39 18.24 -9.06
C SER A 299 15.36 18.38 -7.55
N THR A 300 16.52 18.63 -6.94
CA THR A 300 16.54 19.14 -5.58
C THR A 300 15.65 20.37 -5.45
N GLU A 301 15.77 21.30 -6.40
CA GLU A 301 14.97 22.51 -6.33
C GLU A 301 13.49 22.18 -6.50
N GLU A 302 13.16 21.43 -7.55
CA GLU A 302 11.75 21.08 -7.78
C GLU A 302 11.17 20.33 -6.58
N ARG A 303 11.96 19.48 -5.95
CA ARG A 303 11.43 18.80 -4.77
C ARG A 303 11.17 19.78 -3.64
N GLU A 304 12.04 20.79 -3.49
CA GLU A 304 11.76 21.87 -2.55
C GLU A 304 10.41 22.54 -2.86
N LYS A 305 10.23 22.93 -4.13
CA LYS A 305 8.94 23.53 -4.51
C LYS A 305 7.77 22.62 -4.13
N ILE A 306 7.93 21.30 -4.37
CA ILE A 306 6.85 20.37 -4.03
C ILE A 306 6.53 20.46 -2.54
N ARG A 307 7.56 20.47 -1.69
CA ARG A 307 7.31 20.43 -0.24
C ARG A 307 6.62 21.70 0.22
N GLU A 308 6.97 22.85 -0.36
CA GLU A 308 6.36 24.08 0.11
C GLU A 308 4.94 24.22 -0.40
N LYS A 309 4.65 23.75 -1.61
CA LYS A 309 3.26 23.75 -2.07
C LYS A 309 2.39 22.88 -1.15
N VAL A 310 2.91 21.71 -0.76
CA VAL A 310 2.09 20.80 0.05
C VAL A 310 1.99 21.26 1.51
N ALA A 311 2.98 21.97 2.01
CA ALA A 311 3.04 22.30 3.44
C ALA A 311 1.72 22.78 4.02
N PRO A 312 1.13 23.86 3.51
CA PRO A 312 -0.14 24.34 4.09
C PRO A 312 -1.29 23.36 3.99
N ILE A 313 -1.24 22.46 3.01
CA ILE A 313 -2.36 21.52 2.89
C ILE A 313 -2.20 20.40 3.90
N VAL A 314 -0.99 19.84 4.03
CA VAL A 314 -0.71 18.89 5.08
C VAL A 314 -1.20 19.43 6.41
N GLU A 315 -0.93 20.72 6.68
CA GLU A 315 -1.31 21.30 7.96
C GLU A 315 -2.83 21.26 8.15
N SER A 316 -3.62 21.51 7.10
CA SER A 316 -5.07 21.45 7.26
C SER A 316 -5.58 20.03 7.42
N LEU A 317 -4.93 19.07 6.75
CA LEU A 317 -5.34 17.68 6.80
C LEU A 317 -5.15 17.07 8.17
N LYS A 318 -4.30 17.65 9.02
CA LYS A 318 -4.13 17.08 10.36
C LYS A 318 -5.46 16.94 11.07
N ALA A 319 -6.36 17.91 10.89
CA ALA A 319 -7.66 17.87 11.54
C ALA A 319 -8.47 16.68 11.06
N LYS A 320 -8.31 16.31 9.79
CA LYS A 320 -9.05 15.18 9.25
C LYS A 320 -8.42 13.87 9.65
N ILE A 321 -7.11 13.84 9.80
CA ILE A 321 -6.41 12.61 10.15
C ILE A 321 -6.50 12.36 11.66
N GLY A 322 -6.17 13.36 12.48
CA GLY A 322 -5.95 13.18 13.89
C GLY A 322 -4.60 13.71 14.31
N LYS A 323 -4.61 14.89 14.93
CA LYS A 323 -3.37 15.63 15.22
C LYS A 323 -2.40 14.81 16.06
N GLU A 324 -2.90 14.04 17.04
CA GLU A 324 -2.03 13.19 17.84
C GLU A 324 -1.33 12.14 16.99
N THR A 325 -2.03 11.59 16.01
CA THR A 325 -1.43 10.59 15.14
C THR A 325 -0.36 11.21 14.23
N VAL A 326 -0.69 12.34 13.60
CA VAL A 326 0.28 12.94 12.68
C VAL A 326 1.54 13.33 13.42
N GLU A 327 1.39 13.98 14.58
CA GLU A 327 2.55 14.47 15.30
C GLU A 327 3.36 13.33 15.87
N GLY A 328 2.68 12.27 16.32
CA GLY A 328 3.38 11.14 16.89
C GLY A 328 4.14 10.36 15.84
N VAL A 329 3.57 10.22 14.65
CA VAL A 329 4.27 9.54 13.58
C VAL A 329 5.47 10.37 13.13
N LEU A 330 5.31 11.68 13.09
CA LEU A 330 6.43 12.51 12.65
C LEU A 330 7.58 12.44 13.65
N ASP A 331 7.26 12.43 14.94
CA ASP A 331 8.28 12.38 16.00
C ASP A 331 9.01 11.05 16.00
N ALA A 332 8.27 9.95 15.84
CA ALA A 332 8.93 8.65 15.73
C ALA A 332 9.78 8.57 14.46
N ALA A 333 9.32 9.20 13.36
CA ALA A 333 10.14 9.19 12.16
C ALA A 333 11.45 9.94 12.39
N LYS A 334 11.35 11.09 13.07
CA LYS A 334 12.53 11.90 13.36
C LYS A 334 13.55 11.13 14.21
N LYS A 335 13.09 10.45 15.25
CA LYS A 335 14.02 9.73 16.11
C LYS A 335 14.61 8.53 15.40
N ALA A 336 13.81 7.85 14.58
CA ALA A 336 14.35 6.76 13.77
C ALA A 336 15.43 7.27 12.83
N SER A 337 15.32 8.53 12.40
CA SER A 337 16.14 9.07 11.32
C SER A 337 17.39 9.74 11.84
#